data_6PYX
#
_entry.id   6PYX
#
_cell.length_a   103.383
_cell.length_b   74.452
_cell.length_c   75.386
_cell.angle_alpha   90.000
_cell.angle_beta   109.371
_cell.angle_gamma   90.000
#
_symmetry.space_group_name_H-M   'C 1 2 1'
#
loop_
_entity.id
_entity.type
_entity.pdbx_description
1 polymer 'cDNA FLJ56608, highly similar to Homo sapiens chloride channel, calcium activated, family member 1 (CLCA1), mRNA'
2 non-polymer 'CALCIUM ION'
3 water water
#
_entity_poly.entity_id   1
_entity_poly.type   'polypeptide(L)'
_entity_poly.pdbx_seq_one_letter_code
;ETGIGQRIVCLVLDKSGSMATGNRLNRLNQAGQLFLLQTVELGSWVGMVTFDSAAHVQSELIQINSGSDRDTLAKRLPAA
ASGGTSICSGLRSAFTVIRKKYPTDGSEIVLLTDGEDNTISGCFNEVKQSGAIIHTVALGPSAAQELEELSKMTGGLQTY
ASDQVQNNGLIDAFGALSGTKHHHHHH
;
_entity_poly.pdbx_strand_id   A,B
#
loop_
_chem_comp.id
_chem_comp.type
_chem_comp.name
_chem_comp.formula
CA non-polymer 'CALCIUM ION' 'Ca 2'
#
# COMPACT_ATOMS: atom_id res chain seq x y z
N GLU A 1 7.89 -2.75 3.56
CA GLU A 1 8.29 -3.38 2.31
C GLU A 1 9.74 -3.78 2.35
N THR A 2 10.13 -4.64 1.41
CA THR A 2 11.54 -4.95 1.24
C THR A 2 12.22 -3.81 0.49
N GLY A 3 13.52 -3.70 0.70
CA GLY A 3 14.28 -2.59 0.18
C GLY A 3 14.16 -2.36 -1.31
N ILE A 4 13.72 -3.38 -2.04
CA ILE A 4 13.58 -3.29 -3.50
C ILE A 4 12.13 -3.20 -3.92
N GLY A 5 11.22 -2.94 -2.98
CA GLY A 5 9.85 -2.66 -3.33
C GLY A 5 8.91 -3.83 -3.37
N GLN A 6 9.27 -4.95 -2.74
CA GLN A 6 8.36 -6.08 -2.61
C GLN A 6 7.56 -5.93 -1.34
N ARG A 7 6.25 -6.13 -1.46
CA ARG A 7 5.34 -6.14 -0.33
C ARG A 7 5.71 -7.19 0.72
N ILE A 8 5.49 -6.85 1.99
CA ILE A 8 5.53 -7.81 3.09
C ILE A 8 4.18 -7.79 3.78
N VAL A 9 3.54 -8.96 3.91
CA VAL A 9 2.21 -9.08 4.47
C VAL A 9 2.18 -10.31 5.35
N CYS A 10 1.58 -10.17 6.53
CA CYS A 10 1.44 -11.32 7.42
C CYS A 10 -0.02 -11.46 7.82
N LEU A 11 -0.67 -12.49 7.30
CA LEU A 11 -2.02 -12.79 7.72
C LEU A 11 -2.03 -13.13 9.20
N VAL A 12 -2.97 -12.55 9.95
CA VAL A 12 -3.12 -12.80 11.38
C VAL A 12 -4.58 -13.15 11.64
N LEU A 13 -4.84 -14.39 12.05
CA LEU A 13 -6.16 -15.00 11.91
C LEU A 13 -6.69 -15.44 13.25
N ASP A 14 -7.86 -14.92 13.60
CA ASP A 14 -8.55 -15.23 14.85
C ASP A 14 -9.23 -16.59 14.74
N LYS A 15 -8.63 -17.62 15.32
CA LYS A 15 -9.25 -18.94 15.41
C LYS A 15 -9.90 -19.18 16.77
N SER A 16 -9.97 -18.17 17.63
CA SER A 16 -10.40 -18.36 19.00
C SER A 16 -11.86 -18.83 19.06
N GLY A 17 -12.29 -19.20 20.28
CA GLY A 17 -13.55 -19.90 20.45
C GLY A 17 -14.76 -19.08 20.02
N SER A 18 -14.73 -17.78 20.29
CA SER A 18 -15.85 -16.93 19.90
C SER A 18 -16.07 -16.96 18.40
N MET A 19 -15.04 -17.32 17.64
CA MET A 19 -15.16 -17.34 16.19
C MET A 19 -15.98 -18.51 15.69
N ALA A 20 -16.36 -19.46 16.55
CA ALA A 20 -17.26 -20.51 16.09
C ALA A 20 -18.70 -20.06 15.98
N THR A 21 -19.00 -18.84 16.46
CA THR A 21 -20.35 -18.29 16.36
C THR A 21 -20.69 -18.02 14.92
N GLY A 22 -21.90 -18.40 14.52
CA GLY A 22 -22.38 -18.14 13.18
C GLY A 22 -21.36 -18.50 12.12
N ASN A 23 -21.11 -17.55 11.22
CA ASN A 23 -20.26 -17.77 10.04
C ASN A 23 -18.96 -16.99 10.10
N ARG A 24 -18.53 -16.58 11.29
CA ARG A 24 -17.30 -15.81 11.40
C ARG A 24 -16.12 -16.57 10.83
N LEU A 25 -15.99 -17.85 11.19
CA LEU A 25 -14.87 -18.62 10.66
C LEU A 25 -14.98 -18.79 9.16
N ASN A 26 -16.20 -19.02 8.65
CA ASN A 26 -16.39 -19.06 7.20
C ASN A 26 -16.04 -17.72 6.56
N ARG A 27 -16.46 -16.61 7.17
CA ARG A 27 -16.11 -15.33 6.60
C ARG A 27 -14.62 -15.06 6.75
N LEU A 28 -13.98 -15.57 7.81
CA LEU A 28 -12.53 -15.46 7.89
C LEU A 28 -11.89 -16.20 6.73
N ASN A 29 -12.26 -17.46 6.55
CA ASN A 29 -11.66 -18.26 5.50
C ASN A 29 -11.91 -17.64 4.13
N GLN A 30 -13.13 -17.16 3.88
CA GLN A 30 -13.45 -16.59 2.57
C GLN A 30 -12.53 -15.42 2.23
N ALA A 31 -12.37 -14.48 3.17
CA ALA A 31 -11.47 -13.36 2.92
C ALA A 31 -10.01 -13.79 2.87
N GLY A 32 -9.61 -14.77 3.70
CA GLY A 32 -8.26 -15.30 3.58
C GLY A 32 -8.00 -15.93 2.23
N GLN A 33 -9.00 -16.65 1.69
CA GLN A 33 -8.87 -17.24 0.37
C GLN A 33 -8.75 -16.17 -0.70
N LEU A 34 -9.65 -15.18 -0.65
CA LEU A 34 -9.65 -14.10 -1.63
C LEU A 34 -8.32 -13.36 -1.65
N PHE A 35 -7.84 -12.97 -0.47
CA PHE A 35 -6.59 -12.25 -0.39
C PHE A 35 -5.44 -13.11 -0.91
N LEU A 36 -5.46 -14.39 -0.58
CA LEU A 36 -4.37 -15.28 -0.92
C LEU A 36 -4.42 -15.70 -2.39
N LEU A 37 -5.60 -16.06 -2.88
CA LEU A 37 -5.68 -16.63 -4.22
C LEU A 37 -5.79 -15.60 -5.33
N GLN A 38 -6.29 -14.37 -5.04
CA GLN A 38 -6.49 -13.37 -6.08
C GLN A 38 -5.78 -12.05 -5.80
N THR A 39 -5.85 -11.55 -4.57
CA THR A 39 -5.54 -10.16 -4.34
C THR A 39 -4.03 -9.90 -4.33
N VAL A 40 -3.30 -10.51 -3.38
CA VAL A 40 -1.91 -10.14 -3.19
C VAL A 40 -1.12 -10.46 -4.45
N GLU A 41 -0.24 -9.54 -4.82
CA GLU A 41 0.37 -9.57 -6.14
C GLU A 41 1.61 -10.43 -6.15
N LEU A 42 2.00 -10.81 -7.36
CA LEU A 42 3.26 -11.49 -7.63
C LEU A 42 4.40 -10.78 -6.90
N GLY A 43 5.40 -11.55 -6.47
CA GLY A 43 6.59 -10.97 -5.88
C GLY A 43 6.51 -10.72 -4.39
N SER A 44 5.31 -10.66 -3.83
CA SER A 44 5.13 -10.30 -2.42
C SER A 44 5.56 -11.42 -1.47
N TRP A 45 6.09 -11.01 -0.32
CA TRP A 45 6.43 -11.94 0.77
C TRP A 45 5.26 -12.00 1.75
N VAL A 46 4.76 -13.21 2.01
CA VAL A 46 3.52 -13.41 2.74
C VAL A 46 3.74 -14.46 3.82
N GLY A 47 3.46 -14.10 5.06
CA GLY A 47 3.42 -15.04 6.15
C GLY A 47 1.99 -15.24 6.64
N MET A 48 1.81 -16.26 7.48
CA MET A 48 0.49 -16.57 8.03
C MET A 48 0.59 -16.98 9.48
N VAL A 49 -0.31 -16.44 10.30
CA VAL A 49 -0.34 -16.65 11.75
C VAL A 49 -1.78 -16.76 12.20
N THR A 50 -2.12 -17.85 12.87
CA THR A 50 -3.39 -18.02 13.57
C THR A 50 -3.17 -17.73 15.05
N PHE A 51 -4.27 -17.63 15.80
CA PHE A 51 -4.11 -17.35 17.22
C PHE A 51 -5.38 -17.67 17.99
N ASP A 52 -5.19 -18.17 19.20
CA ASP A 52 -6.26 -18.26 20.17
C ASP A 52 -5.77 -17.59 21.44
N SER A 53 -5.49 -18.39 22.49
CA SER A 53 -4.79 -17.86 23.65
C SER A 53 -3.43 -17.34 23.25
N ALA A 54 -2.81 -17.99 22.28
CA ALA A 54 -1.47 -17.68 21.84
C ALA A 54 -1.40 -17.88 20.34
N ALA A 55 -0.25 -17.54 19.76
CA ALA A 55 -0.08 -17.57 18.32
C ALA A 55 0.49 -18.90 17.85
N HIS A 56 0.11 -19.27 16.63
CA HIS A 56 0.63 -20.46 15.96
C HIS A 56 1.03 -20.05 14.55
N VAL A 57 2.32 -20.08 14.27
CA VAL A 57 2.83 -19.70 12.96
C VAL A 57 2.41 -20.76 11.95
N GLN A 58 1.44 -20.42 11.08
CA GLN A 58 1.10 -21.34 10.00
C GLN A 58 2.09 -21.29 8.86
N SER A 59 2.85 -20.21 8.74
CA SER A 59 3.84 -20.10 7.67
C SER A 59 4.76 -18.94 7.95
N GLU A 60 6.05 -19.15 7.71
CA GLU A 60 6.96 -18.05 7.58
C GLU A 60 6.72 -17.34 6.25
N LEU A 61 7.43 -16.23 6.08
CA LEU A 61 7.33 -15.43 4.88
C LEU A 61 7.71 -16.25 3.66
N ILE A 62 6.77 -16.55 2.77
CA ILE A 62 7.14 -17.08 1.48
C ILE A 62 6.71 -16.11 0.38
N GLN A 63 7.52 -16.06 -0.66
CA GLN A 63 7.27 -15.18 -1.79
C GLN A 63 6.26 -15.79 -2.75
N ILE A 64 5.31 -14.97 -3.20
CA ILE A 64 4.27 -15.40 -4.12
C ILE A 64 4.83 -15.37 -5.54
N ASN A 65 4.99 -16.55 -6.15
CA ASN A 65 5.47 -16.62 -7.52
C ASN A 65 4.59 -17.52 -8.38
N SER A 66 3.95 -18.53 -7.77
CA SER A 66 3.12 -19.48 -8.50
C SER A 66 1.77 -19.58 -7.82
N GLY A 67 0.82 -20.18 -8.54
CA GLY A 67 -0.43 -20.55 -7.91
C GLY A 67 -0.24 -21.58 -6.82
N SER A 68 0.84 -22.36 -6.92
CA SER A 68 1.23 -23.26 -5.84
C SER A 68 1.40 -22.49 -4.54
N ASP A 69 2.22 -21.45 -4.56
CA ASP A 69 2.42 -20.62 -3.37
C ASP A 69 1.09 -20.16 -2.78
N ARG A 70 0.14 -19.77 -3.62
CA ARG A 70 -1.14 -19.32 -3.10
C ARG A 70 -1.92 -20.47 -2.47
N ASP A 71 -1.99 -21.61 -3.15
CA ASP A 71 -2.75 -22.74 -2.61
C ASP A 71 -2.16 -23.24 -1.30
N THR A 72 -0.83 -23.30 -1.21
CA THR A 72 -0.17 -23.74 0.01
C THR A 72 -0.64 -22.91 1.21
N LEU A 73 -0.46 -21.59 1.14
CA LEU A 73 -0.91 -20.74 2.23
C LEU A 73 -2.39 -20.94 2.50
N ALA A 74 -3.20 -20.98 1.45
CA ALA A 74 -4.66 -21.09 1.63
C ALA A 74 -5.05 -22.37 2.33
N LYS A 75 -4.31 -23.46 2.10
CA LYS A 75 -4.62 -24.71 2.77
C LYS A 75 -4.40 -24.61 4.27
N ARG A 76 -3.65 -23.62 4.73
CA ARG A 76 -3.42 -23.44 6.15
C ARG A 76 -4.43 -22.53 6.81
N LEU A 77 -5.55 -22.22 6.15
CA LEU A 77 -6.56 -21.39 6.79
C LEU A 77 -7.19 -22.18 7.95
N PRO A 78 -7.56 -21.50 9.03
CA PRO A 78 -8.04 -22.22 10.22
C PRO A 78 -9.24 -23.09 9.89
N ALA A 79 -9.17 -24.34 10.35
CA ALA A 79 -10.28 -25.27 10.17
C ALA A 79 -11.42 -24.96 11.12
N ALA A 80 -11.15 -25.01 12.42
CA ALA A 80 -12.20 -24.81 13.40
C ALA A 80 -11.78 -23.73 14.39
N ALA A 81 -12.72 -23.36 15.25
CA ALA A 81 -12.51 -22.33 16.24
C ALA A 81 -12.57 -22.95 17.63
N SER A 82 -11.60 -22.58 18.47
CA SER A 82 -11.57 -22.98 19.87
C SER A 82 -10.50 -22.18 20.59
N GLY A 83 -10.69 -22.00 21.90
CA GLY A 83 -9.64 -21.50 22.78
C GLY A 83 -9.84 -20.05 23.16
N GLY A 84 -8.93 -19.57 23.99
CA GLY A 84 -8.93 -18.20 24.45
C GLY A 84 -8.61 -17.24 23.32
N THR A 85 -8.56 -15.94 23.67
CA THR A 85 -8.41 -14.86 22.70
C THR A 85 -7.33 -13.88 23.16
N SER A 86 -6.35 -13.62 22.30
CA SER A 86 -5.32 -12.65 22.62
C SER A 86 -4.77 -12.14 21.28
N ILE A 87 -5.32 -11.02 20.84
CA ILE A 87 -4.91 -10.44 19.57
C ILE A 87 -3.43 -10.14 19.60
N CYS A 88 -2.91 -9.76 20.76
CA CYS A 88 -1.53 -9.32 20.84
C CYS A 88 -0.55 -10.48 20.66
N SER A 89 -0.93 -11.69 21.07
CA SER A 89 -0.09 -12.85 20.78
C SER A 89 0.16 -12.97 19.29
N GLY A 90 -0.87 -12.71 18.48
CA GLY A 90 -0.73 -12.85 17.05
C GLY A 90 0.12 -11.75 16.44
N LEU A 91 -0.14 -10.50 16.83
CA LEU A 91 0.65 -9.40 16.28
C LEU A 91 2.10 -9.54 16.71
N ARG A 92 2.35 -9.85 17.97
CA ARG A 92 3.72 -10.11 18.42
C ARG A 92 4.36 -11.17 17.52
N SER A 93 3.63 -12.25 17.24
CA SER A 93 4.18 -13.33 16.43
C SER A 93 4.36 -12.92 14.97
N ALA A 94 3.38 -12.19 14.44
CA ALA A 94 3.53 -11.60 13.11
C ALA A 94 4.83 -10.81 13.02
N PHE A 95 5.08 -9.96 14.01
CA PHE A 95 6.30 -9.15 13.97
C PHE A 95 7.54 -10.02 14.06
N THR A 96 7.43 -11.15 14.74
CA THR A 96 8.55 -12.08 14.80
C THR A 96 8.72 -12.81 13.48
N VAL A 97 7.61 -13.20 12.85
CA VAL A 97 7.68 -13.88 11.57
C VAL A 97 8.35 -12.98 10.54
N ILE A 98 7.92 -11.72 10.49
CA ILE A 98 8.50 -10.76 9.58
C ILE A 98 9.97 -10.57 9.87
N ARG A 99 10.31 -10.25 11.11
CA ARG A 99 11.65 -9.79 11.42
C ARG A 99 12.68 -10.88 11.29
N LYS A 100 12.28 -12.11 11.01
CA LYS A 100 13.25 -13.11 10.60
C LYS A 100 13.90 -12.76 9.27
N LYS A 101 13.28 -11.89 8.49
CA LYS A 101 13.80 -11.55 7.16
C LYS A 101 13.87 -10.06 6.90
N TYR A 102 12.89 -9.29 7.38
CA TYR A 102 12.75 -7.88 6.99
C TYR A 102 12.32 -7.06 8.20
N PRO A 103 12.41 -5.73 8.15
CA PRO A 103 11.89 -4.93 9.24
C PRO A 103 10.39 -4.80 9.13
N THR A 104 9.76 -4.60 10.30
CA THR A 104 8.33 -4.43 10.34
C THR A 104 7.91 -3.08 9.76
N ASP A 105 8.80 -2.10 9.74
CA ASP A 105 8.43 -0.78 9.24
C ASP A 105 8.13 -0.87 7.75
N GLY A 106 6.93 -0.45 7.37
CA GLY A 106 6.47 -0.60 6.02
C GLY A 106 5.79 -1.92 5.70
N SER A 107 5.84 -2.90 6.60
CA SER A 107 5.16 -4.17 6.39
C SER A 107 3.67 -4.02 6.72
N GLU A 108 2.89 -5.03 6.33
CA GLU A 108 1.44 -5.00 6.52
C GLU A 108 0.97 -6.22 7.28
N ILE A 109 0.05 -6.01 8.22
CA ILE A 109 -0.71 -7.07 8.87
C ILE A 109 -2.11 -7.06 8.29
N VAL A 110 -2.76 -8.22 8.26
CA VAL A 110 -4.13 -8.34 7.80
C VAL A 110 -4.88 -9.07 8.91
N LEU A 111 -5.38 -8.34 9.90
CA LEU A 111 -5.88 -8.93 11.13
C LEU A 111 -7.35 -9.28 10.96
N LEU A 112 -7.65 -10.57 10.83
CA LEU A 112 -9.02 -11.03 10.65
C LEU A 112 -9.56 -11.55 11.97
N THR A 113 -10.43 -10.78 12.60
CA THR A 113 -10.88 -11.07 13.94
C THR A 113 -12.31 -10.57 14.12
N ASP A 114 -13.00 -11.14 15.10
CA ASP A 114 -14.30 -10.61 15.52
C ASP A 114 -14.14 -9.46 16.50
N GLY A 115 -12.91 -9.20 16.95
CA GLY A 115 -12.57 -8.07 17.77
C GLY A 115 -12.91 -8.21 19.24
N GLU A 116 -13.49 -9.34 19.65
CA GLU A 116 -13.93 -9.51 21.02
C GLU A 116 -12.71 -9.80 21.92
N ASP A 117 -11.91 -8.75 22.13
CA ASP A 117 -10.72 -8.82 22.96
C ASP A 117 -10.47 -7.45 23.56
N ASN A 118 -10.24 -7.41 24.89
CA ASN A 118 -10.09 -6.15 25.61
C ASN A 118 -8.71 -6.01 26.24
N THR A 119 -7.72 -6.73 25.74
CA THR A 119 -6.34 -6.56 26.19
C THR A 119 -5.46 -5.94 25.11
N ILE A 120 -6.08 -5.36 24.05
CA ILE A 120 -5.34 -4.98 22.84
C ILE A 120 -4.34 -3.88 23.13
N SER A 121 -4.70 -2.94 24.01
CA SER A 121 -3.78 -1.89 24.43
C SER A 121 -2.45 -2.47 24.91
N GLY A 122 -2.44 -3.74 25.32
CA GLY A 122 -1.24 -4.42 25.76
C GLY A 122 -0.09 -4.35 24.80
N CYS A 123 -0.37 -4.14 23.50
CA CYS A 123 0.71 -4.11 22.51
C CYS A 123 0.72 -2.82 21.71
N PHE A 124 -0.05 -1.82 22.11
CA PHE A 124 -0.06 -0.54 21.44
C PHE A 124 1.34 -0.03 21.17
N ASN A 125 2.20 -0.02 22.20
CA ASN A 125 3.54 0.52 22.00
C ASN A 125 4.28 -0.27 20.93
N GLU A 126 4.42 -1.59 21.13
CA GLU A 126 5.14 -2.38 20.15
C GLU A 126 4.52 -2.24 18.77
N VAL A 127 3.18 -2.18 18.71
CA VAL A 127 2.50 -1.95 17.44
C VAL A 127 2.89 -0.60 16.87
N LYS A 128 3.09 0.39 17.75
CA LYS A 128 3.55 1.69 17.28
C LYS A 128 5.02 1.62 16.87
N GLN A 129 5.87 1.04 17.72
CA GLN A 129 7.29 0.99 17.42
C GLN A 129 7.63 0.12 16.21
N SER A 130 6.68 -0.68 15.73
CA SER A 130 6.96 -1.59 14.63
C SER A 130 6.98 -0.88 13.29
N GLY A 131 6.22 0.22 13.16
CA GLY A 131 6.05 0.83 11.86
C GLY A 131 5.14 0.07 10.91
N ALA A 132 4.65 -1.10 11.32
CA ALA A 132 3.76 -1.90 10.51
C ALA A 132 2.42 -1.19 10.30
N ILE A 133 1.64 -1.74 9.39
CA ILE A 133 0.38 -1.16 8.93
C ILE A 133 -0.68 -2.22 9.18
N ILE A 134 -1.51 -2.02 10.19
CA ILE A 134 -2.47 -3.05 10.58
C ILE A 134 -3.80 -2.73 9.94
N HIS A 135 -4.07 -3.37 8.79
CA HIS A 135 -5.42 -3.46 8.26
C HIS A 135 -6.23 -4.45 9.09
N THR A 136 -7.51 -4.17 9.26
CA THR A 136 -8.35 -5.00 10.11
C THR A 136 -9.64 -5.28 9.40
N VAL A 137 -10.11 -6.50 9.49
CA VAL A 137 -11.46 -6.87 9.08
C VAL A 137 -12.19 -7.30 10.32
N ALA A 138 -13.30 -6.65 10.62
CA ALA A 138 -14.11 -7.00 11.77
C ALA A 138 -15.13 -8.03 11.34
N LEU A 139 -15.09 -9.21 11.98
CA LEU A 139 -15.92 -10.32 11.59
C LEU A 139 -17.12 -10.52 12.50
N GLY A 140 -17.16 -9.83 13.64
CA GLY A 140 -18.35 -9.75 14.45
C GLY A 140 -18.82 -8.31 14.61
N PRO A 141 -19.97 -8.12 15.24
CA PRO A 141 -20.47 -6.77 15.51
C PRO A 141 -20.02 -6.16 16.82
N SER A 142 -19.29 -6.89 17.66
CA SER A 142 -18.92 -6.42 18.98
C SER A 142 -17.42 -6.22 19.10
N ALA A 143 -16.80 -5.77 18.03
CA ALA A 143 -15.37 -5.52 18.07
C ALA A 143 -15.03 -4.43 19.08
N ALA A 144 -14.03 -4.70 19.91
CA ALA A 144 -13.51 -3.69 20.82
C ALA A 144 -13.04 -2.47 20.05
N GLN A 145 -13.07 -1.32 20.72
CA GLN A 145 -12.65 -0.08 20.10
C GLN A 145 -11.17 -0.09 19.74
N GLU A 146 -10.34 -0.79 20.54
CA GLU A 146 -8.92 -0.83 20.20
C GLU A 146 -8.64 -1.60 18.92
N LEU A 147 -9.59 -2.38 18.39
CA LEU A 147 -9.36 -2.95 17.07
C LEU A 147 -9.26 -1.86 16.02
N GLU A 148 -10.28 -1.00 15.96
CA GLU A 148 -10.20 0.17 15.07
C GLU A 148 -8.96 0.99 15.40
N GLU A 149 -8.74 1.28 16.67
CA GLU A 149 -7.58 2.07 17.03
C GLU A 149 -6.27 1.41 16.59
N LEU A 150 -6.30 0.16 16.12
CA LEU A 150 -5.08 -0.44 15.60
C LEU A 150 -4.81 0.03 14.17
N SER A 151 -5.82 0.04 13.30
CA SER A 151 -5.63 0.59 11.96
C SER A 151 -5.38 2.09 12.02
N LYS A 152 -6.15 2.80 12.85
CA LYS A 152 -6.01 4.24 12.91
C LYS A 152 -4.60 4.62 13.32
N MET A 153 -4.00 3.89 14.24
CA MET A 153 -2.70 4.31 14.71
C MET A 153 -1.57 3.87 13.79
N THR A 154 -1.86 3.00 12.82
CA THR A 154 -0.84 2.41 11.96
C THR A 154 -0.98 2.77 10.50
N GLY A 155 -2.10 3.37 10.09
CA GLY A 155 -2.33 3.74 8.73
C GLY A 155 -3.02 2.69 7.91
N GLY A 156 -3.55 1.66 8.54
CA GLY A 156 -4.18 0.58 7.82
C GLY A 156 -5.65 0.81 7.65
N LEU A 157 -6.25 0.03 6.76
CA LEU A 157 -7.67 0.17 6.46
C LEU A 157 -8.51 -0.72 7.35
N GLN A 158 -9.76 -0.32 7.55
CA GLN A 158 -10.73 -1.09 8.30
C GLN A 158 -11.90 -1.38 7.38
N THR A 159 -12.31 -2.64 7.37
CA THR A 159 -13.54 -3.05 6.69
C THR A 159 -14.26 -4.01 7.62
N TYR A 160 -15.57 -4.14 7.44
CA TYR A 160 -16.43 -4.89 8.36
C TYR A 160 -17.22 -5.93 7.56
N ALA A 161 -16.85 -7.21 7.72
CA ALA A 161 -17.45 -8.31 6.95
C ALA A 161 -18.22 -9.28 7.84
N SER A 162 -19.29 -8.78 8.48
CA SER A 162 -20.12 -9.61 9.35
C SER A 162 -21.42 -10.01 8.64
N ASP A 163 -22.52 -9.30 8.91
CA ASP A 163 -23.82 -9.70 8.38
C ASP A 163 -24.32 -8.73 7.32
N GLY B 5 -0.63 27.02 -26.23
CA GLY B 5 0.44 26.59 -25.35
C GLY B 5 0.06 26.42 -23.89
N GLN B 6 -0.28 25.20 -23.50
CA GLN B 6 -0.63 24.84 -22.14
C GLN B 6 0.27 23.71 -21.64
N ARG B 7 0.37 23.60 -20.31
CA ARG B 7 1.05 22.47 -19.70
C ARG B 7 0.13 21.25 -19.72
N ILE B 8 0.75 20.08 -19.86
CA ILE B 8 0.12 18.79 -19.58
C ILE B 8 0.94 18.09 -18.50
N VAL B 9 0.33 17.85 -17.35
CA VAL B 9 1.04 17.25 -16.24
C VAL B 9 0.24 16.05 -15.73
N CYS B 10 0.96 15.01 -15.36
CA CYS B 10 0.36 13.91 -14.62
C CYS B 10 1.10 13.73 -13.31
N LEU B 11 0.34 13.67 -12.24
CA LEU B 11 0.89 13.26 -10.97
C LEU B 11 1.01 11.74 -10.92
N VAL B 12 2.19 11.24 -10.57
CA VAL B 12 2.44 9.83 -10.35
C VAL B 12 2.95 9.69 -8.92
N LEU B 13 2.12 9.15 -8.03
CA LEU B 13 2.30 9.27 -6.59
C LEU B 13 2.37 7.90 -5.91
N ASP B 14 3.42 7.70 -5.13
CA ASP B 14 3.68 6.43 -4.48
C ASP B 14 2.74 6.27 -3.29
N LYS B 15 1.81 5.32 -3.38
CA LYS B 15 1.00 4.94 -2.23
C LYS B 15 1.38 3.56 -1.71
N SER B 16 2.60 3.12 -1.98
CA SER B 16 3.01 1.80 -1.57
C SER B 16 3.28 1.79 -0.07
N GLY B 17 3.48 0.57 0.46
CA GLY B 17 3.57 0.40 1.91
C GLY B 17 4.74 1.11 2.57
N SER B 18 5.86 1.27 1.87
CA SER B 18 6.99 1.97 2.46
C SER B 18 6.67 3.44 2.71
N MET B 19 5.61 3.96 2.10
CA MET B 19 5.26 5.34 2.38
C MET B 19 4.79 5.51 3.81
N ALA B 20 4.38 4.43 4.47
CA ALA B 20 4.03 4.55 5.88
C ALA B 20 5.25 4.88 6.73
N THR B 21 6.45 4.65 6.22
CA THR B 21 7.66 4.90 7.00
C THR B 21 7.83 6.39 7.22
N GLY B 22 7.99 6.78 8.48
CA GLY B 22 8.22 8.18 8.78
C GLY B 22 7.06 9.04 8.29
N ASN B 23 7.40 10.17 7.69
CA ASN B 23 6.42 11.13 7.22
C ASN B 23 6.27 11.12 5.71
N ARG B 24 6.69 10.03 5.06
CA ARG B 24 6.78 10.03 3.61
C ARG B 24 5.43 10.32 2.96
N LEU B 25 4.39 9.60 3.37
CA LEU B 25 3.08 9.80 2.75
C LEU B 25 2.57 11.22 2.99
N ASN B 26 2.71 11.73 4.22
CA ASN B 26 2.34 13.11 4.52
C ASN B 26 3.05 14.08 3.59
N ARG B 27 4.38 14.05 3.60
CA ARG B 27 5.13 14.95 2.74
C ARG B 27 4.73 14.82 1.28
N LEU B 28 4.32 13.61 0.85
CA LEU B 28 3.77 13.48 -0.50
C LEU B 28 2.51 14.32 -0.66
N ASN B 29 1.55 14.16 0.25
CA ASN B 29 0.32 14.93 0.20
C ASN B 29 0.59 16.43 0.30
N GLN B 30 1.54 16.83 1.15
CA GLN B 30 1.90 18.24 1.25
C GLN B 30 2.32 18.79 -0.09
N ALA B 31 3.26 18.11 -0.76
CA ALA B 31 3.74 18.58 -2.05
C ALA B 31 2.65 18.52 -3.10
N GLY B 32 1.82 17.48 -3.06
CA GLY B 32 0.74 17.37 -4.03
C GLY B 32 -0.25 18.49 -3.91
N GLN B 33 -0.69 18.79 -2.68
CA GLN B 33 -1.55 19.92 -2.39
C GLN B 33 -0.95 21.21 -2.92
N LEU B 34 0.30 21.48 -2.55
CA LEU B 34 0.97 22.68 -2.99
C LEU B 34 0.93 22.80 -4.50
N PHE B 35 1.27 21.72 -5.22
CA PHE B 35 1.27 21.77 -6.68
C PHE B 35 -0.15 21.96 -7.21
N LEU B 36 -1.11 21.21 -6.67
CA LEU B 36 -2.47 21.31 -7.16
C LEU B 36 -3.12 22.63 -6.77
N LEU B 37 -2.91 23.07 -5.53
CA LEU B 37 -3.66 24.20 -5.01
C LEU B 37 -2.96 25.53 -5.28
N GLN B 38 -1.68 25.53 -5.61
CA GLN B 38 -1.00 26.79 -5.89
C GLN B 38 -0.18 26.76 -7.18
N THR B 39 0.69 25.77 -7.33
CA THR B 39 1.78 25.90 -8.30
C THR B 39 1.29 25.87 -9.74
N VAL B 40 0.46 24.88 -10.09
CA VAL B 40 0.21 24.62 -11.49
C VAL B 40 -0.60 25.77 -12.09
N GLU B 41 -0.13 26.31 -13.21
CA GLU B 41 -0.77 27.47 -13.82
C GLU B 41 -2.19 27.13 -14.27
N LEU B 42 -3.01 28.17 -14.33
CA LEU B 42 -4.39 28.03 -14.74
C LEU B 42 -4.47 27.59 -16.19
N GLY B 43 -5.36 26.66 -16.49
CA GLY B 43 -5.51 26.17 -17.84
C GLY B 43 -4.59 25.03 -18.21
N SER B 44 -3.66 24.67 -17.34
CA SER B 44 -2.90 23.44 -17.53
C SER B 44 -3.82 22.24 -17.50
N TRP B 45 -3.41 21.21 -18.22
CA TRP B 45 -4.08 19.91 -18.16
C TRP B 45 -3.35 19.05 -17.15
N VAL B 46 -4.10 18.51 -16.19
CA VAL B 46 -3.51 17.85 -15.04
C VAL B 46 -4.31 16.58 -14.74
N GLY B 47 -3.58 15.49 -14.49
CA GLY B 47 -4.18 14.24 -14.09
C GLY B 47 -3.32 13.58 -13.03
N MET B 48 -3.92 12.60 -12.35
CA MET B 48 -3.31 12.01 -11.18
C MET B 48 -3.38 10.49 -11.31
N VAL B 49 -2.21 9.86 -11.28
CA VAL B 49 -2.08 8.41 -11.12
C VAL B 49 -1.42 8.15 -9.77
N THR B 50 -1.99 7.26 -8.99
CA THR B 50 -1.30 6.69 -7.84
C THR B 50 -0.88 5.27 -8.17
N PHE B 51 0.20 4.83 -7.52
CA PHE B 51 0.73 3.52 -7.82
C PHE B 51 1.20 2.81 -6.56
N ASP B 52 1.01 1.50 -6.56
CA ASP B 52 1.78 0.61 -5.69
C ASP B 52 2.40 -0.47 -6.56
N SER B 53 1.98 -1.72 -6.35
CA SER B 53 2.31 -2.75 -7.32
C SER B 53 1.63 -2.50 -8.66
N ALA B 54 0.45 -1.89 -8.65
CA ALA B 54 -0.28 -1.55 -9.85
C ALA B 54 -0.65 -0.07 -9.79
N ALA B 55 -0.96 0.49 -10.96
CA ALA B 55 -1.33 1.89 -11.06
C ALA B 55 -2.83 2.07 -10.85
N HIS B 56 -3.20 3.28 -10.43
CA HIS B 56 -4.57 3.62 -10.08
C HIS B 56 -4.86 5.03 -10.57
N VAL B 57 -5.84 5.15 -11.46
CA VAL B 57 -6.13 6.40 -12.13
C VAL B 57 -7.07 7.18 -11.22
N GLN B 58 -6.52 8.15 -10.49
CA GLN B 58 -7.37 8.99 -9.64
C GLN B 58 -8.23 9.93 -10.48
N SER B 59 -7.62 10.55 -11.49
CA SER B 59 -8.35 11.50 -12.32
C SER B 59 -7.72 11.47 -13.70
N GLU B 60 -8.58 11.37 -14.71
CA GLU B 60 -8.16 11.64 -16.07
C GLU B 60 -7.67 13.07 -16.20
N LEU B 61 -7.10 13.38 -17.36
CA LEU B 61 -6.65 14.74 -17.60
C LEU B 61 -7.83 15.72 -17.54
N ILE B 62 -7.75 16.66 -16.61
CA ILE B 62 -8.72 17.73 -16.55
C ILE B 62 -7.95 19.05 -16.64
N GLN B 63 -8.59 20.04 -17.24
CA GLN B 63 -7.98 21.37 -17.36
C GLN B 63 -8.35 22.23 -16.16
N ILE B 64 -7.32 22.86 -15.59
CA ILE B 64 -7.46 23.81 -14.47
C ILE B 64 -8.08 25.12 -14.96
N ASN B 65 -9.41 25.13 -15.10
CA ASN B 65 -10.15 26.34 -15.48
C ASN B 65 -10.59 27.14 -14.28
N SER B 66 -10.91 26.48 -13.18
CA SER B 66 -11.39 27.09 -11.95
C SER B 66 -10.58 26.56 -10.78
N GLY B 67 -10.64 27.28 -9.66
CA GLY B 67 -10.11 26.74 -8.44
C GLY B 67 -10.83 25.47 -8.03
N SER B 68 -12.10 25.35 -8.40
CA SER B 68 -12.83 24.11 -8.10
C SER B 68 -12.13 22.91 -8.74
N ASP B 69 -11.56 23.11 -9.94
CA ASP B 69 -10.82 22.04 -10.60
C ASP B 69 -9.62 21.58 -9.74
N ARG B 70 -8.88 22.54 -9.19
CA ARG B 70 -7.81 22.20 -8.26
C ARG B 70 -8.32 21.34 -7.13
N ASP B 71 -9.39 21.78 -6.46
CA ASP B 71 -9.90 21.02 -5.32
C ASP B 71 -10.25 19.59 -5.73
N THR B 72 -10.87 19.42 -6.91
CA THR B 72 -11.28 18.09 -7.38
C THR B 72 -10.09 17.13 -7.43
N LEU B 73 -8.94 17.63 -7.89
CA LEU B 73 -7.74 16.82 -7.93
C LEU B 73 -7.17 16.62 -6.54
N ALA B 74 -7.10 17.69 -5.75
CA ALA B 74 -6.54 17.55 -4.41
C ALA B 74 -7.34 16.57 -3.55
N LYS B 75 -8.65 16.48 -3.77
CA LYS B 75 -9.50 15.58 -3.01
C LYS B 75 -9.11 14.12 -3.18
N ARG B 76 -8.30 13.79 -4.19
CA ARG B 76 -7.99 12.41 -4.53
C ARG B 76 -6.51 12.07 -4.33
N LEU B 77 -5.81 12.82 -3.50
CA LEU B 77 -4.47 12.42 -3.14
C LEU B 77 -4.52 11.12 -2.32
N PRO B 78 -3.44 10.34 -2.32
CA PRO B 78 -3.51 9.03 -1.64
C PRO B 78 -3.62 9.21 -0.14
N ALA B 79 -4.72 8.69 0.41
CA ALA B 79 -5.00 8.81 1.83
C ALA B 79 -4.12 7.88 2.66
N ALA B 80 -3.90 6.65 2.17
CA ALA B 80 -3.18 5.63 2.93
C ALA B 80 -2.11 4.97 2.07
N ALA B 81 -1.12 4.41 2.76
CA ALA B 81 -0.03 3.67 2.15
C ALA B 81 -0.27 2.16 2.29
N SER B 82 0.20 1.39 1.31
CA SER B 82 0.11 -0.07 1.29
C SER B 82 0.61 -0.67 -0.02
N GLY B 83 0.95 -1.96 -0.02
CA GLY B 83 1.24 -2.68 -1.25
C GLY B 83 2.70 -2.66 -1.64
N GLY B 84 2.97 -3.31 -2.78
CA GLY B 84 4.30 -3.30 -3.37
C GLY B 84 4.57 -2.03 -4.17
N THR B 85 5.63 -2.06 -4.95
CA THR B 85 6.11 -0.86 -5.65
C THR B 85 6.47 -1.17 -7.10
N SER B 86 5.73 -0.60 -8.04
CA SER B 86 6.13 -0.58 -9.46
C SER B 86 6.02 0.87 -9.88
N ILE B 87 7.12 1.62 -9.75
CA ILE B 87 7.12 2.99 -10.27
C ILE B 87 6.71 2.98 -11.74
N CYS B 88 7.32 2.06 -12.50
CA CYS B 88 7.00 1.89 -13.91
C CYS B 88 5.51 1.74 -14.16
N SER B 89 4.79 1.10 -13.25
CA SER B 89 3.38 0.91 -13.52
C SER B 89 2.65 2.23 -13.45
N GLY B 90 3.14 3.14 -12.62
CA GLY B 90 2.57 4.46 -12.59
C GLY B 90 2.90 5.24 -13.85
N LEU B 91 4.20 5.34 -14.17
CA LEU B 91 4.63 5.99 -15.40
C LEU B 91 3.86 5.47 -16.61
N ARG B 92 3.71 4.15 -16.72
CA ARG B 92 3.04 3.58 -17.89
C ARG B 92 1.57 4.00 -17.94
N SER B 93 0.88 3.96 -16.80
CA SER B 93 -0.52 4.41 -16.76
C SER B 93 -0.63 5.89 -17.09
N ALA B 94 0.34 6.69 -16.63
CA ALA B 94 0.29 8.11 -16.90
C ALA B 94 0.32 8.38 -18.38
N PHE B 95 1.22 7.70 -19.11
CA PHE B 95 1.22 7.79 -20.58
C PHE B 95 -0.15 7.47 -21.15
N THR B 96 -0.74 6.34 -20.76
CA THR B 96 -2.11 6.03 -21.18
C THR B 96 -3.04 7.21 -20.91
N VAL B 97 -2.91 7.82 -19.73
CA VAL B 97 -3.82 8.88 -19.29
C VAL B 97 -3.63 10.13 -20.14
N ILE B 98 -2.39 10.60 -20.24
CA ILE B 98 -2.06 11.70 -21.15
C ILE B 98 -2.55 11.41 -22.56
N ARG B 99 -2.36 10.18 -23.05
CA ARG B 99 -2.62 9.88 -24.45
C ARG B 99 -4.10 9.90 -24.82
N LYS B 100 -4.99 9.96 -23.85
CA LYS B 100 -6.40 10.08 -24.18
C LYS B 100 -6.71 11.41 -24.83
N LYS B 101 -5.82 12.41 -24.68
CA LYS B 101 -6.03 13.73 -25.22
C LYS B 101 -4.80 14.24 -25.99
N TYR B 102 -3.60 13.75 -25.68
CA TYR B 102 -2.40 14.40 -26.18
C TYR B 102 -1.27 13.40 -26.39
N PRO B 103 -0.33 13.69 -27.28
CA PRO B 103 0.91 12.95 -27.29
C PRO B 103 1.65 13.15 -25.98
N THR B 104 2.36 12.12 -25.54
CA THR B 104 3.18 12.28 -24.35
C THR B 104 4.42 13.11 -24.64
N ASP B 105 4.84 13.20 -25.91
CA ASP B 105 5.93 14.09 -26.30
C ASP B 105 5.62 15.51 -25.85
N GLY B 106 6.35 15.99 -24.84
CA GLY B 106 6.13 17.27 -24.26
C GLY B 106 5.40 17.26 -22.94
N SER B 107 4.60 16.24 -22.67
CA SER B 107 3.87 16.19 -21.41
C SER B 107 4.86 16.05 -20.25
N GLU B 108 4.32 16.13 -19.03
CA GLU B 108 5.13 16.14 -17.82
C GLU B 108 4.60 15.13 -16.80
N ILE B 109 5.52 14.36 -16.23
CA ILE B 109 5.25 13.49 -15.10
C ILE B 109 5.77 14.19 -13.85
N VAL B 110 5.02 14.07 -12.75
CA VAL B 110 5.50 14.50 -11.45
C VAL B 110 5.48 13.28 -10.54
N LEU B 111 6.66 12.73 -10.27
CA LEU B 111 6.81 11.46 -9.57
C LEU B 111 7.22 11.73 -8.13
N LEU B 112 6.35 11.37 -7.19
CA LEU B 112 6.63 11.50 -5.77
C LEU B 112 6.67 10.09 -5.17
N THR B 113 7.84 9.71 -4.69
CA THR B 113 8.12 8.34 -4.25
C THR B 113 9.35 8.37 -3.35
N ASP B 114 9.45 7.36 -2.48
CA ASP B 114 10.74 7.20 -1.83
C ASP B 114 11.75 6.54 -2.75
N GLY B 115 11.34 6.08 -3.92
CA GLY B 115 12.27 5.49 -4.87
C GLY B 115 12.81 4.11 -4.55
N GLU B 116 12.17 3.40 -3.62
CA GLU B 116 12.67 2.11 -3.18
C GLU B 116 12.02 1.03 -4.02
N ASP B 117 12.49 0.98 -5.26
CA ASP B 117 12.02 0.09 -6.32
C ASP B 117 13.24 -0.18 -7.16
N ASN B 118 13.54 -1.46 -7.39
CA ASN B 118 14.67 -1.82 -8.24
C ASN B 118 14.22 -2.36 -9.59
N THR B 119 12.94 -2.20 -9.94
CA THR B 119 12.41 -2.63 -11.23
C THR B 119 12.33 -1.49 -12.23
N ILE B 120 13.01 -0.38 -11.98
CA ILE B 120 12.70 0.88 -12.67
C ILE B 120 13.34 0.91 -14.05
N SER B 121 14.50 0.27 -14.21
CA SER B 121 15.12 0.22 -15.53
C SER B 121 14.18 -0.41 -16.55
N GLY B 122 13.18 -1.16 -16.08
CA GLY B 122 12.30 -1.91 -16.95
C GLY B 122 11.52 -1.04 -17.90
N CYS B 123 11.30 0.23 -17.57
CA CYS B 123 10.51 1.12 -18.41
C CYS B 123 11.34 2.28 -18.97
N PHE B 124 12.68 2.15 -18.96
CA PHE B 124 13.54 3.23 -19.39
C PHE B 124 13.38 3.53 -20.87
N ASN B 125 13.36 2.51 -21.69
CA ASN B 125 13.20 2.74 -23.12
C ASN B 125 11.77 3.24 -23.45
N GLU B 126 10.76 2.78 -22.71
CA GLU B 126 9.41 3.30 -22.92
C GLU B 126 9.27 4.73 -22.46
N VAL B 127 10.10 5.15 -21.49
CA VAL B 127 10.11 6.55 -21.10
C VAL B 127 10.76 7.39 -22.18
N LYS B 128 11.93 6.95 -22.68
CA LYS B 128 12.57 7.63 -23.80
C LYS B 128 11.60 7.84 -24.95
N GLN B 129 10.89 6.77 -25.33
CA GLN B 129 10.00 6.89 -26.47
C GLN B 129 8.83 7.81 -26.18
N SER B 130 8.35 7.83 -24.94
CA SER B 130 7.21 8.67 -24.60
C SER B 130 7.50 10.14 -24.85
N GLY B 131 8.76 10.54 -24.70
CA GLY B 131 9.07 11.94 -24.80
C GLY B 131 8.57 12.79 -23.68
N ALA B 132 8.08 12.20 -22.60
CA ALA B 132 7.59 13.00 -21.49
C ALA B 132 8.74 13.43 -20.57
N ILE B 133 8.49 14.47 -19.78
CA ILE B 133 9.48 15.02 -18.86
C ILE B 133 9.15 14.55 -17.46
N ILE B 134 10.07 13.80 -16.84
CA ILE B 134 9.83 13.14 -15.56
C ILE B 134 10.56 13.91 -14.48
N HIS B 135 9.82 14.75 -13.75
CA HIS B 135 10.35 15.38 -12.56
C HIS B 135 10.18 14.44 -11.38
N THR B 136 11.24 14.25 -10.61
CA THR B 136 11.26 13.30 -9.52
C THR B 136 11.45 14.00 -8.19
N VAL B 137 10.67 13.59 -7.20
CA VAL B 137 10.76 14.13 -5.84
C VAL B 137 10.96 12.93 -4.92
N ALA B 138 12.20 12.72 -4.48
CA ALA B 138 12.54 11.62 -3.58
C ALA B 138 12.11 11.96 -2.16
N LEU B 139 11.11 11.24 -1.65
CA LEU B 139 10.62 11.45 -0.29
C LEU B 139 11.31 10.58 0.73
N GLY B 140 12.35 9.83 0.32
CA GLY B 140 13.12 9.02 1.23
C GLY B 140 14.60 9.11 0.92
N PRO B 141 15.43 8.76 1.88
CA PRO B 141 16.89 8.79 1.68
C PRO B 141 17.47 7.55 1.02
N SER B 142 16.63 6.68 0.46
CA SER B 142 17.07 5.37 -0.01
C SER B 142 16.54 5.10 -1.42
N ALA B 143 16.36 6.15 -2.21
CA ALA B 143 15.89 5.95 -3.56
C ALA B 143 16.92 5.18 -4.36
N ALA B 144 16.44 4.25 -5.19
CA ALA B 144 17.27 3.60 -6.20
C ALA B 144 17.94 4.65 -7.06
N GLN B 145 19.19 4.41 -7.45
CA GLN B 145 19.88 5.38 -8.31
C GLN B 145 19.13 5.59 -9.62
N GLU B 146 18.27 4.64 -9.99
CA GLU B 146 17.53 4.75 -11.24
C GLU B 146 16.55 5.90 -11.22
N LEU B 147 16.11 6.33 -10.04
CA LEU B 147 15.08 7.34 -9.95
C LEU B 147 15.55 8.65 -10.55
N GLU B 148 16.72 9.12 -10.13
CA GLU B 148 17.24 10.37 -10.68
C GLU B 148 17.61 10.22 -12.16
N GLU B 149 17.92 9.00 -12.61
CA GLU B 149 18.16 8.77 -14.02
C GLU B 149 16.91 9.11 -14.84
N LEU B 150 15.73 8.81 -14.32
CA LEU B 150 14.50 9.20 -15.00
C LEU B 150 14.48 10.67 -15.33
N SER B 151 14.87 11.53 -14.38
CA SER B 151 14.94 12.96 -14.67
C SER B 151 16.08 13.28 -15.63
N LYS B 152 17.25 12.72 -15.39
CA LYS B 152 18.41 13.08 -16.21
C LYS B 152 18.15 12.76 -17.67
N MET B 153 17.47 11.65 -17.95
CA MET B 153 17.26 11.24 -19.33
C MET B 153 16.07 11.93 -19.99
N THR B 154 15.24 12.66 -19.26
CA THR B 154 14.16 13.41 -19.88
C THR B 154 14.27 14.90 -19.70
N GLY B 155 15.29 15.39 -18.99
CA GLY B 155 15.37 16.81 -18.71
C GLY B 155 14.43 17.29 -17.63
N GLY B 156 14.01 16.43 -16.71
CA GLY B 156 13.16 16.86 -15.63
C GLY B 156 13.96 17.32 -14.43
N LEU B 157 13.25 17.98 -13.51
CA LEU B 157 13.87 18.49 -12.29
C LEU B 157 13.96 17.43 -11.20
N GLN B 158 15.05 17.47 -10.45
CA GLN B 158 15.30 16.54 -9.36
C GLN B 158 15.16 17.27 -8.02
N THR B 159 14.51 16.62 -7.06
CA THR B 159 14.49 17.13 -5.68
C THR B 159 14.64 15.98 -4.70
N TYR B 160 15.43 16.22 -3.66
CA TYR B 160 15.41 15.41 -2.45
C TYR B 160 14.62 16.17 -1.38
N ALA B 161 13.53 15.58 -0.93
CA ALA B 161 12.59 16.26 -0.07
C ALA B 161 11.99 15.30 0.97
CA CA C . -12.59 -14.45 20.67
CA CA D . 7.75 1.39 -1.87
#